data_1RDT
#
_entry.id   1RDT
#
_cell.length_a   49.69
_cell.length_b   54.58
_cell.length_c   211.70
_cell.angle_alpha   90
_cell.angle_beta   90
_cell.angle_gamma   90
#
_symmetry.space_group_name_H-M   'P 21 21 21'
#
loop_
_entity.id
_entity.type
_entity.pdbx_description
1 polymer 'Retinoic acid receptor RXR-alpha'
2 polymer 'LxxLL motif coactivator'
3 polymer 'Peroxisome proliferator activated receptor gamma'
4 polymer 'LxxLL motif coactivator'
5 non-polymer '(S)-(2E)-3[4-(5,5,8,8-TETRAMETHYL-5,6,7,8-TETRAHYDRO-2-NAPHTHALENYL)TETRAHYDRO-1-BENZOFURAN-2-YL]-2-PROPENOIC ACID'
6 non-polymer '2-(2-BENZOYL-PHENYLAMINO)-3-{4-[2-(5-METHYL-2-PHENYL-OXAZOL-4-YL)-ETHOXY]-PHENYL}-PROPIONIC ACID'
7 water water
#
loop_
_entity_poly.entity_id
_entity_poly.type
_entity_poly.pdbx_seq_one_letter_code
_entity_poly.pdbx_strand_id
1 'polypeptide(L)'
;MKKGSANEDMPVERILEAELAVEPKTETYVEANMGLNPSSPNDPVTNICQAADKQLFTLVEWAKRIPHFSELPLDDQVIL
LRAGWNELLIASFSHRSIAVKDGILLATGLHVHRNSAHSAGVGAIFDRVLTELVSKMRDMQMDKTELGCLRAIVLFNPDS
KGLSNPAEVEALREKVYASLEAYCKHKYPEQPGRFAKLLLRLPALRSIGLKCLEHLFFFKLIGDTPIDTFLMEMLEAPHQ
MT
;
A
2 'polypeptide(L)' CPSSHSSLTERHKILHRLLQEGSPS B
3 'polypeptide(L)'
;MKKGHHHHHHGRAESADLRALAKHLYDSYIKSFPLTKAKARAILTGKTTDKSPFVIYDMNSLMMGEDKIKFKHITPLQEQ
SKEVAIRIFQGCQFRSVEAVQEITEYAKSIPGFVNLDLNDQVTLLKYGVHEIIYTMLASLMNKDGVLISEGQGFMTREFL
KSLRKPFGDFMEPKFEFAVKFNALELDDSDLAIFIAVIILSGDRPGLLNVKPIEDIQDNLLQALELQLKLNHPESSQLFA
KLLQKMTDLRQIVTEHVQLLQVIKKTETDMSLHPLLQEIYKDLY
;
D
4 'polypeptide(L)' NLVPDAASKHKQLSELLRGGSGS E
#
# COMPACT_ATOMS: atom_id res chain seq x y z
N GLU A 8 24.57 -14.35 -7.51
CA GLU A 8 23.97 -14.90 -6.26
C GLU A 8 22.46 -15.01 -6.42
N ASP A 9 22.03 -15.35 -7.63
CA ASP A 9 20.60 -15.49 -7.94
C ASP A 9 19.98 -14.12 -8.26
N MET A 10 20.41 -13.09 -7.55
CA MET A 10 19.89 -11.74 -7.77
C MET A 10 20.93 -10.69 -7.36
N PRO A 11 22.08 -10.67 -8.07
CA PRO A 11 23.18 -9.74 -7.80
C PRO A 11 22.81 -8.25 -7.94
N VAL A 12 23.13 -7.48 -6.91
CA VAL A 12 22.85 -6.05 -6.91
C VAL A 12 23.71 -5.25 -7.89
N GLU A 13 24.86 -5.80 -8.25
CA GLU A 13 25.74 -5.11 -9.19
C GLU A 13 25.05 -5.06 -10.55
N ARG A 14 24.39 -6.15 -10.93
CA ARG A 14 23.68 -6.19 -12.20
C ARG A 14 22.48 -5.26 -12.19
N ILE A 15 21.84 -5.13 -11.03
CA ILE A 15 20.69 -4.25 -10.89
C ILE A 15 21.16 -2.80 -11.02
N LEU A 16 22.32 -2.51 -10.43
CA LEU A 16 22.87 -1.17 -10.49
C LEU A 16 23.22 -0.88 -11.95
N GLU A 17 23.75 -1.88 -12.64
CA GLU A 17 24.12 -1.75 -14.04
C GLU A 17 22.89 -1.48 -14.90
N ALA A 18 21.78 -2.13 -14.57
CA ALA A 18 20.53 -1.92 -15.30
C ALA A 18 20.16 -0.45 -15.18
N GLU A 19 20.35 0.10 -13.99
CA GLU A 19 20.05 1.49 -13.71
C GLU A 19 20.95 2.43 -14.50
N LEU A 20 22.25 2.27 -14.33
CA LEU A 20 23.23 3.11 -15.02
C LEU A 20 23.19 2.96 -16.54
N ALA A 21 22.89 1.75 -17.01
CA ALA A 21 22.84 1.48 -18.43
C ALA A 21 21.79 2.30 -19.17
N VAL A 22 20.89 2.96 -18.43
CA VAL A 22 19.84 3.75 -19.06
C VAL A 22 19.57 5.10 -18.41
N GLU A 23 20.56 5.68 -17.74
CA GLU A 23 20.37 6.97 -17.08
C GLU A 23 19.79 8.09 -17.93
N PRO A 24 20.46 8.49 -19.03
CA PRO A 24 21.70 8.11 -19.72
C PRO A 24 22.55 7.00 -19.12
N ASP A 43 2.68 22.91 -23.48
CA ASP A 43 1.90 22.43 -22.34
C ASP A 43 2.69 21.48 -21.45
N PRO A 44 2.94 21.86 -20.20
CA PRO A 44 3.69 21.02 -19.26
C PRO A 44 3.15 19.59 -19.20
N VAL A 45 1.84 19.45 -19.23
CA VAL A 45 1.20 18.14 -19.18
C VAL A 45 1.57 17.39 -20.46
N THR A 46 1.86 18.13 -21.51
CA THR A 46 2.24 17.56 -22.80
C THR A 46 3.71 17.15 -22.77
N ASN A 47 4.55 18.02 -22.22
CA ASN A 47 5.98 17.75 -22.13
C ASN A 47 6.22 16.54 -21.23
N ILE A 48 5.42 16.43 -20.18
CA ILE A 48 5.54 15.32 -19.24
C ILE A 48 5.10 14.00 -19.88
N CYS A 49 4.00 14.04 -20.63
CA CYS A 49 3.50 12.84 -21.29
C CYS A 49 4.45 12.36 -22.38
N GLN A 50 5.17 13.29 -23.00
CA GLN A 50 6.12 12.92 -24.04
C GLN A 50 7.32 12.23 -23.42
N ALA A 51 7.80 12.76 -22.29
CA ALA A 51 8.93 12.18 -21.59
C ALA A 51 8.57 10.76 -21.18
N ALA A 52 7.38 10.60 -20.62
CA ALA A 52 6.91 9.28 -20.18
C ALA A 52 6.92 8.31 -21.35
N ASP A 53 6.38 8.75 -22.48
CA ASP A 53 6.33 7.92 -23.68
C ASP A 53 7.73 7.46 -24.05
N LYS A 54 8.69 8.37 -23.92
CA LYS A 54 10.08 8.08 -24.24
C LYS A 54 10.70 7.06 -23.29
N GLN A 55 10.42 7.21 -22.00
CA GLN A 55 10.97 6.31 -20.99
C GLN A 55 10.37 4.91 -21.01
N LEU A 56 9.28 4.75 -21.73
CA LEU A 56 8.65 3.43 -21.82
C LEU A 56 9.54 2.51 -22.64
N PHE A 57 10.23 3.09 -23.63
CA PHE A 57 11.12 2.29 -24.47
C PHE A 57 12.33 1.88 -23.64
N THR A 58 12.89 2.83 -22.90
CA THR A 58 14.06 2.56 -22.05
C THR A 58 13.70 1.59 -20.94
N LEU A 59 12.45 1.64 -20.49
CA LEU A 59 11.98 0.75 -19.43
C LEU A 59 12.16 -0.69 -19.86
N VAL A 60 11.78 -0.99 -21.09
CA VAL A 60 11.91 -2.33 -21.64
C VAL A 60 13.35 -2.80 -21.56
N GLU A 61 14.27 -1.98 -22.08
CA GLU A 61 15.69 -2.30 -22.04
C GLU A 61 16.12 -2.50 -20.60
N TRP A 62 15.59 -1.67 -19.71
CA TRP A 62 15.91 -1.75 -18.29
C TRP A 62 15.49 -3.10 -17.71
N ALA A 63 14.24 -3.48 -17.97
CA ALA A 63 13.72 -4.74 -17.46
C ALA A 63 14.56 -5.94 -17.88
N LYS A 64 14.92 -5.98 -19.16
CA LYS A 64 15.73 -7.07 -19.69
C LYS A 64 17.07 -7.24 -18.97
N ARG A 65 17.60 -6.14 -18.44
CA ARG A 65 18.87 -6.18 -17.72
C ARG A 65 18.70 -6.62 -16.27
N ILE A 66 17.45 -6.74 -15.82
CA ILE A 66 17.19 -7.17 -14.46
C ILE A 66 17.29 -8.69 -14.42
N PRO A 67 18.23 -9.23 -13.63
CA PRO A 67 18.40 -10.68 -13.53
C PRO A 67 17.13 -11.52 -13.44
N HIS A 68 17.02 -12.46 -14.36
CA HIS A 68 15.90 -13.40 -14.47
C HIS A 68 14.63 -12.88 -15.11
N PHE A 69 14.50 -11.56 -15.28
CA PHE A 69 13.29 -11.02 -15.89
C PHE A 69 13.08 -11.65 -17.27
N SER A 70 14.14 -11.69 -18.06
CA SER A 70 14.07 -12.23 -19.41
C SER A 70 13.86 -13.74 -19.48
N GLU A 71 14.01 -14.43 -18.35
CA GLU A 71 13.83 -15.87 -18.33
C GLU A 71 12.36 -16.26 -18.20
N LEU A 72 11.54 -15.32 -17.73
CA LEU A 72 10.12 -15.56 -17.56
C LEU A 72 9.47 -15.66 -18.94
N PRO A 73 8.30 -16.31 -19.02
CA PRO A 73 7.63 -16.44 -20.32
C PRO A 73 7.37 -15.05 -20.90
N LEU A 74 7.50 -14.91 -22.20
CA LEU A 74 7.29 -13.64 -22.86
C LEU A 74 5.99 -12.97 -22.43
N ASP A 75 4.92 -13.77 -22.28
CA ASP A 75 3.63 -13.23 -21.88
C ASP A 75 3.62 -12.67 -20.47
N ASP A 76 4.44 -13.24 -19.58
CA ASP A 76 4.50 -12.75 -18.21
C ASP A 76 5.22 -11.40 -18.17
N GLN A 77 6.27 -11.29 -18.98
CA GLN A 77 7.04 -10.06 -19.05
C GLN A 77 6.11 -8.92 -19.45
N VAL A 78 5.27 -9.17 -20.44
CA VAL A 78 4.32 -8.16 -20.91
C VAL A 78 3.41 -7.73 -19.76
N ILE A 79 2.90 -8.71 -19.02
CA ILE A 79 2.01 -8.45 -17.90
C ILE A 79 2.68 -7.61 -16.81
N LEU A 80 3.88 -8.03 -16.39
CA LEU A 80 4.60 -7.30 -15.35
C LEU A 80 4.84 -5.84 -15.73
N LEU A 81 5.28 -5.61 -16.95
CA LEU A 81 5.54 -4.24 -17.41
C LEU A 81 4.27 -3.40 -17.53
N ARG A 82 3.19 -4.01 -17.99
CA ARG A 82 1.92 -3.28 -18.13
C ARG A 82 1.40 -2.86 -16.76
N ALA A 83 1.62 -3.71 -15.75
CA ALA A 83 1.15 -3.44 -14.41
C ALA A 83 2.03 -2.50 -13.59
N GLY A 84 3.32 -2.44 -13.89
CA GLY A 84 4.20 -1.58 -13.11
C GLY A 84 4.91 -0.43 -13.79
N TRP A 85 4.72 -0.25 -15.09
CA TRP A 85 5.41 0.83 -15.80
C TRP A 85 5.20 2.19 -15.13
N ASN A 86 3.95 2.47 -14.75
CA ASN A 86 3.60 3.74 -14.12
C ASN A 86 4.45 4.01 -12.87
N GLU A 87 4.46 3.09 -11.93
CA GLU A 87 5.24 3.25 -10.71
C GLU A 87 6.74 3.21 -10.97
N LEU A 88 7.15 2.37 -11.91
CA LEU A 88 8.56 2.23 -12.26
C LEU A 88 9.18 3.52 -12.81
N LEU A 89 8.40 4.24 -13.62
CA LEU A 89 8.90 5.49 -14.21
C LEU A 89 8.84 6.64 -13.21
N ILE A 90 7.86 6.61 -12.31
CA ILE A 90 7.71 7.66 -11.31
C ILE A 90 8.84 7.58 -10.30
N ALA A 91 9.19 6.37 -9.90
CA ALA A 91 10.26 6.16 -8.95
C ALA A 91 11.56 6.67 -9.58
N SER A 92 11.69 6.46 -10.89
CA SER A 92 12.87 6.87 -11.62
C SER A 92 13.11 8.38 -11.70
N PHE A 93 12.11 9.13 -12.17
CA PHE A 93 12.30 10.58 -12.27
C PHE A 93 12.29 11.21 -10.87
N SER A 94 11.63 10.57 -9.93
CA SER A 94 11.56 11.08 -8.57
C SER A 94 12.95 11.04 -7.92
N HIS A 95 13.70 9.98 -8.19
CA HIS A 95 15.05 9.86 -7.64
C HIS A 95 15.97 10.82 -8.36
N ARG A 96 15.79 10.96 -9.68
CA ARG A 96 16.61 11.87 -10.47
C ARG A 96 16.34 13.31 -10.06
N SER A 97 15.14 13.57 -9.54
CA SER A 97 14.75 14.91 -9.13
C SER A 97 15.35 15.36 -7.80
N ILE A 98 16.07 14.46 -7.14
CA ILE A 98 16.70 14.79 -5.86
C ILE A 98 17.65 15.96 -6.08
N ALA A 99 18.21 16.03 -7.28
CA ALA A 99 19.16 17.06 -7.67
C ALA A 99 18.63 18.49 -7.71
N VAL A 100 17.31 18.66 -7.80
CA VAL A 100 16.74 20.01 -7.86
C VAL A 100 15.85 20.36 -6.67
N LYS A 101 15.73 21.65 -6.40
CA LYS A 101 14.94 22.16 -5.28
C LYS A 101 13.48 21.72 -5.32
N ASP A 102 12.62 22.54 -5.92
CA ASP A 102 11.20 22.22 -6.02
C ASP A 102 10.74 22.07 -7.46
N GLY A 103 11.21 21.02 -8.11
CA GLY A 103 10.84 20.76 -9.48
C GLY A 103 11.00 19.28 -9.80
N ILE A 104 10.87 18.94 -11.08
CA ILE A 104 11.01 17.55 -11.51
C ILE A 104 11.90 17.48 -12.76
N LEU A 105 12.92 16.64 -12.68
CA LEU A 105 13.85 16.47 -13.80
C LEU A 105 13.43 15.31 -14.70
N LEU A 106 12.91 15.63 -15.88
CA LEU A 106 12.48 14.61 -16.82
C LEU A 106 13.65 14.05 -17.62
N ALA A 107 13.47 12.82 -18.11
CA ALA A 107 14.50 12.14 -18.87
C ALA A 107 14.88 12.92 -20.14
N THR A 108 13.91 13.62 -20.71
CA THR A 108 14.15 14.39 -21.92
C THR A 108 14.95 15.67 -21.61
N GLY A 109 15.29 15.86 -20.34
CA GLY A 109 16.07 17.03 -19.95
C GLY A 109 15.25 18.23 -19.53
N LEU A 110 13.93 18.15 -19.69
CA LEU A 110 13.06 19.26 -19.31
C LEU A 110 12.86 19.35 -17.79
N HIS A 111 12.88 20.57 -17.27
CA HIS A 111 12.72 20.79 -15.84
C HIS A 111 11.38 21.45 -15.54
N VAL A 112 10.46 20.69 -14.96
CA VAL A 112 9.14 21.19 -14.62
C VAL A 112 9.14 21.79 -13.21
N HIS A 113 8.88 23.09 -13.14
CA HIS A 113 8.86 23.79 -11.86
C HIS A 113 7.48 23.70 -11.21
N ARG A 114 7.43 23.94 -9.91
CA ARG A 114 6.17 23.86 -9.17
C ARG A 114 5.08 24.79 -9.71
N ASN A 115 5.48 25.99 -10.14
CA ASN A 115 4.51 26.94 -10.68
C ASN A 115 3.80 26.41 -11.92
N SER A 116 4.57 25.81 -12.82
CA SER A 116 4.01 25.25 -14.05
C SER A 116 2.97 24.21 -13.69
N ALA A 117 3.27 23.40 -12.67
CA ALA A 117 2.35 22.37 -12.22
C ALA A 117 1.11 23.09 -11.69
N HIS A 118 1.33 24.13 -10.90
CA HIS A 118 0.25 24.94 -10.34
C HIS A 118 -0.23 25.92 -11.40
N SER A 119 -0.40 25.41 -12.62
CA SER A 119 -0.86 26.22 -13.75
C SER A 119 -1.57 25.31 -14.74
N ALA A 120 -1.31 24.01 -14.61
CA ALA A 120 -1.93 23.02 -15.47
C ALA A 120 -3.03 22.36 -14.63
N GLY A 121 -3.13 22.80 -13.38
CA GLY A 121 -4.13 22.27 -12.47
C GLY A 121 -3.71 20.96 -11.83
N VAL A 122 -2.41 20.78 -11.64
CA VAL A 122 -1.89 19.55 -11.04
C VAL A 122 -0.85 19.83 -9.95
N GLY A 123 -0.92 21.01 -9.35
CA GLY A 123 0.02 21.37 -8.31
C GLY A 123 -0.06 20.49 -7.08
N ALA A 124 -1.26 20.01 -6.75
CA ALA A 124 -1.46 19.17 -5.58
C ALA A 124 -0.66 17.87 -5.68
N ILE A 125 -1.01 17.03 -6.65
CA ILE A 125 -0.32 15.77 -6.84
C ILE A 125 1.19 15.99 -7.04
N PHE A 126 1.53 17.09 -7.69
CA PHE A 126 2.93 17.43 -7.93
C PHE A 126 3.65 17.65 -6.59
N ASP A 127 2.95 18.28 -5.66
CA ASP A 127 3.50 18.54 -4.34
C ASP A 127 3.65 17.25 -3.54
N ARG A 128 2.83 16.25 -3.85
CA ARG A 128 2.91 14.97 -3.16
C ARG A 128 4.17 14.26 -3.62
N VAL A 129 4.44 14.35 -4.92
CA VAL A 129 5.63 13.73 -5.50
C VAL A 129 6.86 14.27 -4.79
N LEU A 130 6.94 15.59 -4.66
CA LEU A 130 8.06 16.25 -4.02
C LEU A 130 8.22 15.92 -2.54
N THR A 131 7.10 15.92 -1.82
CA THR A 131 7.12 15.65 -0.38
C THR A 131 7.15 14.18 0.01
N GLU A 132 6.28 13.38 -0.61
CA GLU A 132 6.17 11.96 -0.28
C GLU A 132 7.19 11.04 -0.95
N LEU A 133 7.85 11.52 -2.00
CA LEU A 133 8.84 10.70 -2.70
C LEU A 133 10.21 11.37 -2.79
N VAL A 134 10.30 12.42 -3.61
CA VAL A 134 11.54 13.14 -3.81
C VAL A 134 12.28 13.49 -2.53
N SER A 135 11.64 14.26 -1.65
CA SER A 135 12.27 14.67 -0.40
C SER A 135 12.64 13.48 0.48
N LYS A 136 11.82 12.44 0.46
CA LYS A 136 12.09 11.25 1.26
C LYS A 136 13.35 10.56 0.75
N MET A 137 13.47 10.48 -0.58
CA MET A 137 14.62 9.85 -1.19
C MET A 137 15.87 10.68 -0.92
N ARG A 138 15.69 12.00 -0.85
CA ARG A 138 16.82 12.89 -0.61
C ARG A 138 17.29 12.82 0.85
N ASP A 139 16.34 12.83 1.78
CA ASP A 139 16.68 12.79 3.20
C ASP A 139 17.39 11.53 3.67
N MET A 140 17.05 10.38 3.09
CA MET A 140 17.72 9.15 3.48
C MET A 140 18.82 8.87 2.47
N GLN A 141 18.89 9.73 1.46
CA GLN A 141 19.88 9.63 0.40
C GLN A 141 20.02 8.23 -0.19
N MET A 142 18.92 7.66 -0.67
CA MET A 142 19.02 6.33 -1.25
C MET A 142 19.87 6.41 -2.51
N ASP A 143 20.83 5.50 -2.63
CA ASP A 143 21.71 5.47 -3.80
C ASP A 143 21.01 4.76 -4.95
N LYS A 144 21.67 4.70 -6.11
CA LYS A 144 21.10 4.05 -7.28
C LYS A 144 20.89 2.55 -7.15
N THR A 145 21.70 1.88 -6.36
CA THR A 145 21.54 0.44 -6.19
C THR A 145 20.24 0.19 -5.44
N GLU A 146 19.97 1.02 -4.44
CA GLU A 146 18.75 0.90 -3.65
C GLU A 146 17.52 1.18 -4.50
N LEU A 147 17.57 2.25 -5.30
CA LEU A 147 16.47 2.58 -6.19
C LEU A 147 16.24 1.39 -7.11
N GLY A 148 17.33 0.90 -7.69
CA GLY A 148 17.26 -0.24 -8.58
C GLY A 148 16.55 -1.42 -7.97
N CYS A 149 16.94 -1.79 -6.75
CA CYS A 149 16.32 -2.92 -6.07
C CYS A 149 14.83 -2.65 -5.82
N LEU A 150 14.51 -1.47 -5.32
CA LEU A 150 13.12 -1.12 -5.06
C LEU A 150 12.31 -1.24 -6.35
N ARG A 151 12.88 -0.77 -7.45
CA ARG A 151 12.21 -0.85 -8.75
C ARG A 151 12.03 -2.28 -9.21
N ALA A 152 13.01 -3.14 -8.90
CA ALA A 152 12.93 -4.55 -9.29
C ALA A 152 11.76 -5.17 -8.53
N ILE A 153 11.67 -4.84 -7.25
CA ILE A 153 10.60 -5.34 -6.40
C ILE A 153 9.24 -4.96 -6.98
N VAL A 154 9.11 -3.72 -7.43
CA VAL A 154 7.87 -3.25 -8.04
C VAL A 154 7.60 -4.06 -9.30
N LEU A 155 8.65 -4.36 -10.05
CA LEU A 155 8.55 -5.11 -11.29
C LEU A 155 8.01 -6.52 -11.06
N PHE A 156 8.61 -7.25 -10.14
CA PHE A 156 8.19 -8.61 -9.84
C PHE A 156 6.97 -8.62 -8.92
N ASN A 157 5.85 -8.15 -9.45
CA ASN A 157 4.59 -8.11 -8.70
C ASN A 157 3.81 -9.38 -9.02
N PRO A 158 3.71 -10.30 -8.05
CA PRO A 158 3.00 -11.56 -8.21
C PRO A 158 1.49 -11.42 -8.30
N ASP A 159 0.98 -10.26 -7.87
CA ASP A 159 -0.46 -10.03 -7.88
C ASP A 159 -1.01 -9.56 -9.23
N SER A 160 -0.13 -9.40 -10.21
CA SER A 160 -0.56 -8.98 -11.53
C SER A 160 -1.42 -10.09 -12.13
N LYS A 161 -2.60 -9.72 -12.62
CA LYS A 161 -3.53 -10.69 -13.20
C LYS A 161 -3.03 -11.31 -14.50
N GLY A 162 -3.11 -12.63 -14.59
CA GLY A 162 -2.70 -13.33 -15.80
C GLY A 162 -1.39 -14.11 -15.77
N LEU A 163 -0.52 -13.81 -14.80
CA LEU A 163 0.76 -14.49 -14.70
C LEU A 163 0.62 -16.01 -14.75
N SER A 164 1.50 -16.65 -15.51
CA SER A 164 1.47 -18.12 -15.64
C SER A 164 1.93 -18.80 -14.36
N ASN A 165 2.74 -18.11 -13.58
CA ASN A 165 3.25 -18.66 -12.32
C ASN A 165 3.50 -17.55 -11.30
N PRO A 166 2.44 -17.03 -10.68
CA PRO A 166 2.57 -15.96 -9.68
C PRO A 166 3.62 -16.29 -8.63
N ALA A 167 3.64 -17.54 -8.18
CA ALA A 167 4.58 -17.99 -7.16
C ALA A 167 6.03 -17.76 -7.59
N GLU A 168 6.32 -18.03 -8.86
CA GLU A 168 7.66 -17.86 -9.40
C GLU A 168 8.09 -16.39 -9.31
N VAL A 169 7.17 -15.48 -9.62
CA VAL A 169 7.44 -14.06 -9.56
C VAL A 169 7.64 -13.62 -8.11
N GLU A 170 6.86 -14.22 -7.21
CA GLU A 170 6.96 -13.90 -5.78
C GLU A 170 8.35 -14.29 -5.30
N ALA A 171 8.86 -15.41 -5.80
CA ALA A 171 10.17 -15.89 -5.43
C ALA A 171 11.23 -14.90 -5.87
N LEU A 172 11.10 -14.40 -7.10
CA LEU A 172 12.04 -13.43 -7.63
C LEU A 172 12.02 -12.15 -6.78
N ARG A 173 10.82 -11.72 -6.39
CA ARG A 173 10.68 -10.54 -5.56
C ARG A 173 11.39 -10.73 -4.22
N GLU A 174 11.21 -11.91 -3.63
CA GLU A 174 11.84 -12.22 -2.36
C GLU A 174 13.36 -12.27 -2.49
N LYS A 175 13.84 -12.69 -3.65
CA LYS A 175 15.27 -12.75 -3.89
C LYS A 175 15.84 -11.33 -3.87
N VAL A 176 15.06 -10.36 -4.33
CA VAL A 176 15.51 -8.97 -4.31
C VAL A 176 15.48 -8.47 -2.87
N TYR A 177 14.52 -8.94 -2.09
CA TYR A 177 14.43 -8.54 -0.68
C TYR A 177 15.74 -8.94 0.00
N ALA A 178 16.13 -10.19 -0.21
CA ALA A 178 17.35 -10.74 0.37
C ALA A 178 18.59 -9.98 -0.06
N SER A 179 18.76 -9.79 -1.36
CA SER A 179 19.92 -9.06 -1.87
C SER A 179 19.99 -7.64 -1.33
N LEU A 180 18.87 -6.94 -1.36
CA LEU A 180 18.82 -5.56 -0.88
C LEU A 180 19.10 -5.48 0.62
N GLU A 181 18.52 -6.38 1.40
CA GLU A 181 18.74 -6.39 2.84
C GLU A 181 20.22 -6.58 3.12
N ALA A 182 20.85 -7.52 2.41
CA ALA A 182 22.27 -7.79 2.58
C ALA A 182 23.08 -6.55 2.22
N TYR A 183 22.76 -5.96 1.07
CA TYR A 183 23.46 -4.76 0.61
C TYR A 183 23.40 -3.67 1.67
N CYS A 184 22.21 -3.45 2.23
CA CYS A 184 22.03 -2.44 3.26
C CYS A 184 22.86 -2.70 4.51
N LYS A 185 22.90 -3.97 4.93
CA LYS A 185 23.66 -4.34 6.12
C LYS A 185 25.17 -4.24 5.94
N HIS A 186 25.63 -4.30 4.70
CA HIS A 186 27.06 -4.22 4.41
C HIS A 186 27.48 -2.78 4.09
N LYS A 187 26.63 -2.07 3.36
CA LYS A 187 26.93 -0.69 2.97
C LYS A 187 26.60 0.32 4.06
N TYR A 188 25.56 0.02 4.85
CA TYR A 188 25.13 0.93 5.91
C TYR A 188 24.98 0.23 7.25
N PRO A 189 26.07 -0.33 7.79
CA PRO A 189 25.97 -1.01 9.09
C PRO A 189 25.56 -0.09 10.23
N GLU A 190 25.77 1.21 10.06
CA GLU A 190 25.41 2.17 11.11
C GLU A 190 23.93 2.52 11.18
N GLN A 191 23.13 1.95 10.29
CA GLN A 191 21.69 2.21 10.29
C GLN A 191 20.86 0.96 10.07
N PRO A 192 20.56 0.23 11.16
CA PRO A 192 19.78 -1.02 11.19
C PRO A 192 18.45 -0.97 10.45
N GLY A 193 17.74 0.15 10.57
CA GLY A 193 16.44 0.27 9.93
C GLY A 193 16.39 0.85 8.52
N ARG A 194 17.53 0.96 7.85
CA ARG A 194 17.52 1.52 6.50
C ARG A 194 16.71 0.64 5.57
N PHE A 195 16.84 -0.68 5.72
CA PHE A 195 16.11 -1.63 4.88
C PHE A 195 14.60 -1.39 4.95
N ALA A 196 14.07 -1.28 6.16
CA ALA A 196 12.64 -1.03 6.35
C ALA A 196 12.26 0.31 5.76
N LYS A 197 13.08 1.33 6.01
CA LYS A 197 12.83 2.66 5.50
C LYS A 197 12.72 2.67 3.97
N LEU A 198 13.48 1.78 3.33
CA LEU A 198 13.44 1.68 1.87
C LEU A 198 12.13 1.08 1.42
N LEU A 199 11.75 -0.04 2.05
CA LEU A 199 10.51 -0.70 1.70
C LEU A 199 9.31 0.17 2.01
N LEU A 200 9.48 1.14 2.89
CA LEU A 200 8.39 2.03 3.25
C LEU A 200 8.26 3.24 2.33
N ARG A 201 8.97 3.19 1.21
CA ARG A 201 8.90 4.25 0.21
C ARG A 201 7.88 3.83 -0.83
N LEU A 202 7.62 2.52 -0.88
CA LEU A 202 6.68 1.94 -1.82
C LEU A 202 5.21 2.31 -1.63
N PRO A 203 4.76 2.45 -0.38
CA PRO A 203 3.36 2.83 -0.18
C PRO A 203 3.00 4.13 -0.89
N ALA A 204 3.79 5.18 -0.66
CA ALA A 204 3.56 6.46 -1.29
C ALA A 204 3.63 6.33 -2.80
N LEU A 205 4.64 5.62 -3.28
CA LEU A 205 4.84 5.40 -4.70
C LEU A 205 3.58 4.81 -5.32
N ARG A 206 2.95 3.88 -4.60
CA ARG A 206 1.73 3.23 -5.07
C ARG A 206 0.53 4.17 -5.05
N SER A 207 0.35 4.88 -3.93
CA SER A 207 -0.78 5.81 -3.81
C SER A 207 -0.62 6.94 -4.82
N ILE A 208 0.62 7.38 -5.04
CA ILE A 208 0.89 8.45 -5.99
C ILE A 208 0.73 7.94 -7.41
N GLY A 209 1.12 6.68 -7.62
CA GLY A 209 1.00 6.10 -8.96
C GLY A 209 -0.45 5.99 -9.38
N LEU A 210 -1.30 5.57 -8.45
CA LEU A 210 -2.72 5.42 -8.72
C LEU A 210 -3.37 6.75 -9.07
N LYS A 211 -2.92 7.83 -8.43
CA LYS A 211 -3.48 9.15 -8.68
C LYS A 211 -3.00 9.70 -10.01
N CYS A 212 -1.75 9.42 -10.37
CA CYS A 212 -1.22 9.88 -11.66
C CYS A 212 -1.97 9.13 -12.74
N LEU A 213 -2.34 7.89 -12.44
CA LEU A 213 -3.09 7.06 -13.38
C LEU A 213 -4.46 7.66 -13.58
N GLU A 214 -5.07 8.14 -12.50
CA GLU A 214 -6.39 8.73 -12.56
C GLU A 214 -6.34 10.01 -13.38
N HIS A 215 -5.28 10.79 -13.20
CA HIS A 215 -5.10 12.04 -13.95
C HIS A 215 -4.91 11.72 -15.42
N LEU A 216 -3.97 10.81 -15.73
CA LEU A 216 -3.71 10.43 -17.10
C LEU A 216 -5.00 10.02 -17.81
N PHE A 217 -5.80 9.20 -17.13
CA PHE A 217 -7.07 8.74 -17.69
C PHE A 217 -8.07 9.89 -17.79
N PHE A 218 -7.73 11.01 -17.16
CA PHE A 218 -8.58 12.19 -17.19
C PHE A 218 -8.16 13.04 -18.39
N PHE A 219 -6.85 13.10 -18.63
CA PHE A 219 -6.29 13.86 -19.73
C PHE A 219 -6.48 13.10 -21.05
N LYS A 220 -6.81 11.83 -20.96
CA LYS A 220 -7.02 11.00 -22.14
C LYS A 220 -8.47 11.11 -22.63
N LEU A 221 -9.41 10.72 -21.78
CA LEU A 221 -10.82 10.79 -22.12
C LEU A 221 -11.29 12.24 -22.21
N ILE A 222 -10.58 13.03 -22.99
CA ILE A 222 -10.89 14.43 -23.20
C ILE A 222 -10.15 14.88 -24.47
N GLY A 223 -9.05 14.20 -24.76
CA GLY A 223 -8.26 14.50 -25.95
C GLY A 223 -7.69 15.89 -26.08
N ASP A 224 -7.71 16.40 -27.30
CA ASP A 224 -7.17 17.73 -27.58
C ASP A 224 -5.69 17.64 -27.87
N THR A 225 -5.31 16.63 -28.65
CA THR A 225 -3.91 16.43 -28.97
C THR A 225 -3.27 15.53 -27.93
N PRO A 226 -3.87 14.37 -27.73
CA PRO A 226 -3.38 13.41 -26.75
C PRO A 226 -1.90 13.09 -26.77
N ILE A 227 -1.51 12.12 -25.96
CA ILE A 227 -0.11 11.73 -25.88
C ILE A 227 0.40 10.86 -27.01
N ASP A 228 1.65 10.40 -26.89
CA ASP A 228 2.25 9.55 -27.89
C ASP A 228 1.69 8.13 -27.87
N THR A 229 1.76 7.47 -29.02
CA THR A 229 1.25 6.11 -29.19
C THR A 229 1.54 4.99 -28.17
N PHE A 230 2.81 4.85 -27.77
CA PHE A 230 3.19 3.82 -26.81
C PHE A 230 2.53 4.01 -25.45
N LEU A 231 2.62 5.22 -24.92
CA LEU A 231 2.00 5.55 -23.64
C LEU A 231 0.50 5.30 -23.74
N MET A 232 -0.04 5.58 -24.92
CA MET A 232 -1.45 5.39 -25.19
C MET A 232 -1.78 3.90 -25.15
N GLU A 233 -0.89 3.09 -25.70
CA GLU A 233 -1.07 1.65 -25.72
C GLU A 233 -1.13 1.12 -24.29
N MET A 234 -0.21 1.60 -23.45
CA MET A 234 -0.15 1.20 -22.06
C MET A 234 -1.37 1.74 -21.31
N LEU A 235 -1.95 2.81 -21.84
CA LEU A 235 -3.10 3.44 -21.22
C LEU A 235 -4.43 2.84 -21.64
N GLU A 236 -4.42 1.56 -21.98
CA GLU A 236 -5.64 0.87 -22.40
C GLU A 236 -5.89 -0.37 -21.53
N HIS B 12 -0.48 -6.42 -27.14
CA HIS B 12 0.12 -5.05 -27.19
C HIS B 12 1.35 -5.08 -28.09
N LYS B 13 1.14 -4.77 -29.35
CA LYS B 13 2.16 -4.76 -30.39
C LYS B 13 3.50 -4.09 -30.05
N ILE B 14 3.48 -2.92 -29.43
CA ILE B 14 4.73 -2.24 -29.10
C ILE B 14 5.52 -2.91 -27.98
N LEU B 15 4.87 -3.13 -26.85
CA LEU B 15 5.52 -3.76 -25.71
C LEU B 15 5.99 -5.16 -26.10
N HIS B 16 5.09 -5.92 -26.71
CA HIS B 16 5.38 -7.27 -27.16
C HIS B 16 6.50 -7.33 -28.19
N ARG B 17 6.50 -6.37 -29.12
CA ARG B 17 7.51 -6.30 -30.17
C ARG B 17 8.90 -6.02 -29.60
N LEU B 18 8.98 -5.06 -28.68
CA LEU B 18 10.25 -4.69 -28.07
C LEU B 18 10.84 -5.81 -27.20
N LEU B 19 10.00 -6.42 -26.37
CA LEU B 19 10.44 -7.49 -25.49
C LEU B 19 11.08 -8.66 -26.22
N GLN B 20 10.65 -8.92 -27.45
CA GLN B 20 11.20 -10.01 -28.24
C GLN B 20 12.04 -9.51 -29.40
N ALA C 13 18.08 0.78 20.07
CA ALA C 13 17.44 0.42 21.37
C ALA C 13 17.82 -0.99 21.81
N GLU C 14 17.90 -1.19 23.12
CA GLU C 14 18.24 -2.48 23.71
C GLU C 14 17.07 -3.43 23.48
N SER C 15 17.38 -4.71 23.30
CA SER C 15 16.35 -5.73 23.08
C SER C 15 15.28 -5.73 24.17
N ALA C 16 15.69 -5.41 25.39
CA ALA C 16 14.77 -5.38 26.52
C ALA C 16 13.71 -4.30 26.32
N ASP C 17 14.13 -3.17 25.77
CA ASP C 17 13.20 -2.06 25.51
C ASP C 17 12.21 -2.47 24.43
N LEU C 18 12.73 -3.05 23.35
CA LEU C 18 11.90 -3.48 22.24
C LEU C 18 10.89 -4.55 22.65
N ARG C 19 11.27 -5.42 23.58
CA ARG C 19 10.37 -6.46 24.05
C ARG C 19 9.30 -5.84 24.93
N ALA C 20 9.70 -4.87 25.76
CA ALA C 20 8.76 -4.20 26.64
C ALA C 20 7.74 -3.49 25.77
N LEU C 21 8.22 -2.86 24.70
CA LEU C 21 7.35 -2.14 23.77
C LEU C 21 6.36 -3.10 23.11
N ALA C 22 6.85 -4.27 22.73
CA ALA C 22 6.02 -5.28 22.08
C ALA C 22 4.90 -5.75 23.00
N LYS C 23 5.22 -5.91 24.28
CA LYS C 23 4.24 -6.37 25.27
C LYS C 23 3.23 -5.27 25.59
N HIS C 24 3.70 -4.04 25.69
CA HIS C 24 2.84 -2.90 25.99
C HIS C 24 1.75 -2.80 24.93
N LEU C 25 2.17 -2.84 23.66
CA LEU C 25 1.25 -2.74 22.54
C LEU C 25 0.26 -3.89 22.50
N TYR C 26 0.73 -5.09 22.82
CA TYR C 26 -0.15 -6.26 22.82
C TYR C 26 -1.23 -6.12 23.87
N ASP C 27 -0.86 -5.63 25.05
CA ASP C 27 -1.81 -5.47 26.13
C ASP C 27 -2.90 -4.42 25.86
N SER C 28 -2.51 -3.27 25.31
CA SER C 28 -3.50 -2.24 25.02
C SER C 28 -4.33 -2.63 23.80
N TYR C 29 -3.76 -3.51 22.97
CA TYR C 29 -4.43 -4.01 21.78
C TYR C 29 -5.58 -4.91 22.23
N ILE C 30 -5.31 -5.72 23.25
CA ILE C 30 -6.31 -6.63 23.80
C ILE C 30 -7.44 -5.83 24.43
N LYS C 31 -7.10 -4.68 25.00
CA LYS C 31 -8.07 -3.80 25.65
C LYS C 31 -8.90 -3.01 24.64
N SER C 32 -8.27 -2.61 23.55
CA SER C 32 -8.93 -1.81 22.52
C SER C 32 -9.78 -2.60 21.53
N PHE C 33 -9.42 -3.86 21.31
CA PHE C 33 -10.15 -4.68 20.35
C PHE C 33 -10.80 -5.92 20.95
N PRO C 34 -12.14 -5.93 21.04
CA PRO C 34 -12.94 -7.03 21.60
C PRO C 34 -12.67 -8.40 20.96
N LEU C 35 -12.83 -8.48 19.63
CA LEU C 35 -12.62 -9.72 18.92
C LEU C 35 -11.22 -9.79 18.32
N THR C 36 -10.33 -10.53 18.97
CA THR C 36 -8.97 -10.68 18.51
C THR C 36 -8.91 -11.71 17.38
N LYS C 37 -7.74 -11.92 16.80
CA LYS C 37 -7.60 -12.88 15.72
C LYS C 37 -7.65 -14.30 16.27
N ALA C 38 -7.06 -14.50 17.44
CA ALA C 38 -7.04 -15.82 18.08
C ALA C 38 -8.47 -16.33 18.27
N LYS C 39 -9.36 -15.44 18.69
CA LYS C 39 -10.75 -15.78 18.92
C LYS C 39 -11.46 -16.07 17.59
N ALA C 40 -11.31 -15.15 16.65
CA ALA C 40 -11.94 -15.28 15.34
C ALA C 40 -11.60 -16.60 14.66
N ARG C 41 -10.31 -16.90 14.50
CA ARG C 41 -9.90 -18.14 13.86
C ARG C 41 -10.36 -19.36 14.64
N ALA C 42 -10.51 -19.21 15.95
CA ALA C 42 -10.97 -20.31 16.78
C ALA C 42 -12.42 -20.55 16.36
N ILE C 43 -13.15 -19.46 16.17
CA ILE C 43 -14.54 -19.52 15.74
C ILE C 43 -14.65 -20.07 14.33
N LEU C 44 -13.92 -19.48 13.39
CA LEU C 44 -13.95 -19.94 12.00
C LEU C 44 -13.66 -21.44 11.89
N THR C 45 -12.80 -21.95 12.77
CA THR C 45 -12.46 -23.36 12.75
C THR C 45 -13.45 -24.20 13.56
N GLY C 46 -14.05 -23.58 14.56
CA GLY C 46 -15.02 -24.27 15.40
C GLY C 46 -14.37 -25.07 16.51
N LYS C 47 -13.38 -24.50 17.16
CA LYS C 47 -12.69 -25.16 18.26
C LYS C 47 -13.06 -24.50 19.57
N THR C 48 -14.25 -23.92 19.61
CA THR C 48 -14.76 -23.25 20.79
C THR C 48 -16.25 -23.51 20.96
N THR C 49 -16.66 -23.88 22.17
CA THR C 49 -18.06 -24.16 22.44
C THR C 49 -18.74 -22.95 23.09
N ASP C 50 -19.52 -22.24 22.28
CA ASP C 50 -20.24 -21.05 22.73
C ASP C 50 -21.46 -20.90 21.83
N LYS C 51 -21.22 -20.95 20.53
CA LYS C 51 -22.26 -20.83 19.52
C LYS C 51 -21.64 -20.68 18.14
N SER C 52 -21.88 -21.66 17.27
CA SER C 52 -21.36 -21.59 15.92
C SER C 52 -22.09 -20.44 15.24
N PRO C 53 -21.35 -19.49 14.65
CA PRO C 53 -21.96 -18.34 13.98
C PRO C 53 -23.06 -18.73 13.01
N PHE C 54 -24.08 -17.87 12.91
CA PHE C 54 -25.19 -18.11 11.99
C PHE C 54 -24.62 -17.87 10.60
N VAL C 55 -25.00 -18.70 9.64
CA VAL C 55 -24.50 -18.56 8.28
C VAL C 55 -25.48 -17.88 7.33
N ILE C 56 -25.13 -16.69 6.88
CA ILE C 56 -25.96 -15.94 5.95
C ILE C 56 -25.44 -16.22 4.54
N TYR C 57 -26.23 -16.94 3.74
CA TYR C 57 -25.83 -17.28 2.38
C TYR C 57 -26.64 -16.56 1.31
N ASP C 58 -27.81 -16.04 1.69
CA ASP C 58 -28.65 -15.32 0.74
C ASP C 58 -29.60 -14.36 1.45
N MET C 59 -30.60 -13.90 0.71
CA MET C 59 -31.57 -12.96 1.26
C MET C 59 -32.36 -13.52 2.43
N ASN C 60 -32.93 -14.70 2.25
CA ASN C 60 -33.71 -15.31 3.31
C ASN C 60 -32.93 -15.44 4.61
N SER C 61 -31.71 -15.95 4.49
CA SER C 61 -30.85 -16.13 5.66
C SER C 61 -30.43 -14.81 6.29
N LEU C 62 -30.28 -13.77 5.48
CA LEU C 62 -29.89 -12.46 6.00
C LEU C 62 -30.97 -11.93 6.94
N MET C 63 -32.23 -12.24 6.63
CA MET C 63 -33.35 -11.81 7.45
C MET C 63 -33.31 -12.52 8.81
N GLU C 83 -33.83 -2.83 0.45
CA GLU C 83 -32.83 -3.47 -0.38
C GLU C 83 -31.79 -4.21 0.47
N VAL C 84 -31.22 -5.27 -0.10
CA VAL C 84 -30.22 -6.06 0.60
C VAL C 84 -28.88 -5.33 0.61
N ALA C 85 -28.63 -4.55 -0.44
CA ALA C 85 -27.40 -3.79 -0.55
C ALA C 85 -27.31 -2.71 0.53
N ILE C 86 -28.45 -2.12 0.86
CA ILE C 86 -28.50 -1.06 1.87
C ILE C 86 -28.22 -1.61 3.27
N ARG C 87 -28.81 -2.75 3.59
CA ARG C 87 -28.61 -3.35 4.90
C ARG C 87 -27.15 -3.69 5.15
N ILE C 88 -26.50 -4.27 4.14
CA ILE C 88 -25.10 -4.61 4.26
C ILE C 88 -24.31 -3.31 4.32
N PHE C 89 -24.79 -2.31 3.59
CA PHE C 89 -24.17 -0.99 3.57
C PHE C 89 -24.18 -0.44 4.99
N GLN C 90 -25.34 -0.51 5.63
CA GLN C 90 -25.51 -0.04 7.01
C GLN C 90 -24.66 -0.86 7.96
N GLY C 91 -24.64 -2.17 7.73
CA GLY C 91 -23.86 -3.06 8.58
C GLY C 91 -22.39 -2.72 8.61
N CYS C 92 -21.79 -2.60 7.44
CA CYS C 92 -20.37 -2.28 7.34
C CYS C 92 -20.09 -0.87 7.86
N GLN C 93 -21.01 0.04 7.62
CA GLN C 93 -20.86 1.42 8.06
C GLN C 93 -20.83 1.51 9.59
N PHE C 94 -21.74 0.79 10.23
CA PHE C 94 -21.81 0.78 11.69
C PHE C 94 -20.54 0.21 12.28
N ARG C 95 -20.07 -0.90 11.70
CA ARG C 95 -18.84 -1.54 12.18
C ARG C 95 -17.63 -0.66 11.98
N SER C 96 -17.62 0.11 10.89
CA SER C 96 -16.52 1.00 10.59
C SER C 96 -16.40 2.10 11.65
N VAL C 97 -17.52 2.72 11.98
CA VAL C 97 -17.54 3.79 12.97
C VAL C 97 -17.00 3.31 14.31
N GLU C 98 -17.34 2.08 14.69
CA GLU C 98 -16.87 1.50 15.94
C GLU C 98 -15.35 1.35 15.90
N ALA C 99 -14.87 0.80 14.79
CA ALA C 99 -13.44 0.57 14.60
C ALA C 99 -12.60 1.84 14.70
N VAL C 100 -13.10 2.92 14.10
CA VAL C 100 -12.38 4.19 14.15
C VAL C 100 -12.12 4.57 15.60
N GLN C 101 -13.17 4.49 16.42
CA GLN C 101 -13.09 4.83 17.83
C GLN C 101 -12.15 3.88 18.58
N GLU C 102 -12.18 2.60 18.20
CA GLU C 102 -11.32 1.60 18.83
C GLU C 102 -9.86 1.86 18.47
N ILE C 103 -9.63 2.12 17.19
CA ILE C 103 -8.29 2.40 16.69
C ILE C 103 -7.76 3.70 17.29
N THR C 104 -8.62 4.68 17.43
CA THR C 104 -8.25 5.97 18.00
C THR C 104 -7.77 5.80 19.44
N GLU C 105 -8.43 4.90 20.16
CA GLU C 105 -8.07 4.64 21.55
C GLU C 105 -6.74 3.92 21.64
N TYR C 106 -6.52 2.99 20.72
CA TYR C 106 -5.29 2.22 20.67
C TYR C 106 -4.10 3.12 20.35
N ALA C 107 -4.31 4.05 19.42
CA ALA C 107 -3.27 4.97 19.00
C ALA C 107 -2.74 5.79 20.18
N LYS C 108 -3.65 6.21 21.05
CA LYS C 108 -3.28 7.00 22.22
C LYS C 108 -2.41 6.22 23.21
N SER C 109 -2.35 4.90 23.08
CA SER C 109 -1.54 4.09 23.97
C SER C 109 -0.17 3.79 23.39
N ILE C 110 0.11 4.33 22.20
CA ILE C 110 1.40 4.14 21.57
C ILE C 110 2.34 5.18 22.15
N PRO C 111 3.45 4.74 22.78
CA PRO C 111 4.40 5.70 23.37
C PRO C 111 4.81 6.81 22.41
N GLY C 112 4.57 8.06 22.83
CA GLY C 112 4.93 9.20 22.01
C GLY C 112 3.81 9.82 21.20
N PHE C 113 2.78 9.04 20.89
CA PHE C 113 1.67 9.54 20.08
C PHE C 113 0.95 10.77 20.63
N VAL C 114 0.55 10.74 21.90
CA VAL C 114 -0.14 11.88 22.49
C VAL C 114 0.77 13.07 22.72
N ASN C 115 2.08 12.86 22.59
CA ASN C 115 3.06 13.92 22.76
C ASN C 115 3.28 14.62 21.43
N LEU C 116 2.60 14.12 20.39
CA LEU C 116 2.69 14.67 19.05
C LEU C 116 1.75 15.85 18.91
N ASP C 117 2.09 16.77 18.00
CA ASP C 117 1.26 17.94 17.76
C ASP C 117 -0.15 17.38 17.50
N LEU C 118 -1.14 17.93 18.17
CA LEU C 118 -2.52 17.47 18.02
C LEU C 118 -2.93 17.33 16.55
N ASN C 119 -2.56 18.31 15.74
CA ASN C 119 -2.91 18.28 14.32
C ASN C 119 -2.39 17.03 13.62
N ASP C 120 -1.16 16.64 13.92
CA ASP C 120 -0.58 15.45 13.30
C ASP C 120 -1.27 14.18 13.78
N GLN C 121 -1.69 14.16 15.05
CA GLN C 121 -2.38 13.01 15.60
C GLN C 121 -3.63 12.76 14.76
N VAL C 122 -4.37 13.82 14.50
CA VAL C 122 -5.59 13.75 13.71
C VAL C 122 -5.26 13.26 12.30
N THR C 123 -4.22 13.82 11.71
CA THR C 123 -3.80 13.45 10.37
C THR C 123 -3.39 11.98 10.28
N LEU C 124 -2.62 11.50 11.25
CA LEU C 124 -2.19 10.11 11.25
C LEU C 124 -3.38 9.17 11.33
N LEU C 125 -4.37 9.54 12.14
CA LEU C 125 -5.57 8.73 12.29
C LEU C 125 -6.42 8.83 11.03
N LYS C 126 -6.51 10.04 10.48
CA LYS C 126 -7.29 10.27 9.27
C LYS C 126 -6.90 9.30 8.15
N TYR C 127 -5.59 9.15 7.93
CA TYR C 127 -5.10 8.28 6.88
C TYR C 127 -4.81 6.83 7.26
N GLY C 128 -4.63 6.56 8.55
CA GLY C 128 -4.33 5.20 8.96
C GLY C 128 -5.46 4.27 9.33
N VAL C 129 -6.59 4.82 9.77
CA VAL C 129 -7.72 3.99 10.20
C VAL C 129 -8.25 2.97 9.18
N HIS C 130 -8.44 3.38 7.93
CA HIS C 130 -8.95 2.42 6.96
C HIS C 130 -7.95 1.34 6.62
N GLU C 131 -6.65 1.69 6.62
CA GLU C 131 -5.62 0.71 6.33
C GLU C 131 -5.65 -0.33 7.45
N ILE C 132 -5.87 0.13 8.67
CA ILE C 132 -5.92 -0.75 9.83
C ILE C 132 -7.21 -1.57 9.83
N ILE C 133 -8.31 -0.93 9.43
CA ILE C 133 -9.60 -1.61 9.38
C ILE C 133 -9.53 -2.82 8.44
N TYR C 134 -8.91 -2.64 7.28
CA TYR C 134 -8.80 -3.73 6.31
C TYR C 134 -7.77 -4.75 6.76
N THR C 135 -6.79 -4.31 7.55
CA THR C 135 -5.78 -5.22 8.04
C THR C 135 -6.43 -6.17 9.04
N MET C 136 -7.25 -5.60 9.93
CA MET C 136 -7.93 -6.39 10.94
C MET C 136 -9.12 -7.17 10.39
N LEU C 137 -9.69 -6.71 9.29
CA LEU C 137 -10.83 -7.39 8.68
C LEU C 137 -10.37 -8.77 8.21
N ALA C 138 -9.09 -8.87 7.85
CA ALA C 138 -8.50 -10.11 7.38
C ALA C 138 -8.54 -11.19 8.46
N SER C 139 -8.42 -10.77 9.71
CA SER C 139 -8.44 -11.70 10.84
C SER C 139 -9.79 -12.39 10.94
N LEU C 140 -10.81 -11.78 10.37
CA LEU C 140 -12.17 -12.30 10.42
C LEU C 140 -12.59 -13.04 9.15
N MET C 141 -11.68 -13.17 8.20
CA MET C 141 -12.03 -13.83 6.94
C MET C 141 -11.23 -15.09 6.64
N ASN C 142 -11.78 -15.88 5.73
CA ASN C 142 -11.16 -17.09 5.23
C ASN C 142 -11.61 -17.09 3.77
N LYS C 143 -11.18 -18.08 2.99
CA LYS C 143 -11.54 -18.11 1.58
C LYS C 143 -13.04 -18.18 1.29
N ASP C 144 -13.85 -18.44 2.31
CA ASP C 144 -15.29 -18.57 2.11
C ASP C 144 -16.19 -17.50 2.72
N GLY C 145 -15.70 -16.75 3.69
CA GLY C 145 -16.54 -15.74 4.30
C GLY C 145 -15.88 -14.84 5.33
N VAL C 146 -16.70 -14.06 6.02
CA VAL C 146 -16.23 -13.14 7.03
C VAL C 146 -17.16 -13.08 8.24
N LEU C 147 -16.59 -13.16 9.43
CA LEU C 147 -17.37 -13.08 10.65
C LEU C 147 -17.92 -11.67 10.75
N ILE C 148 -19.15 -11.54 11.23
CA ILE C 148 -19.76 -10.23 11.38
C ILE C 148 -20.48 -10.18 12.71
N SER C 149 -20.80 -8.97 13.16
CA SER C 149 -21.51 -8.77 14.42
C SER C 149 -20.86 -9.49 15.61
N GLU C 150 -19.70 -8.98 16.04
CA GLU C 150 -19.00 -9.56 17.18
C GLU C 150 -18.66 -11.04 17.02
N GLY C 151 -18.77 -11.55 15.78
CA GLY C 151 -18.47 -12.94 15.53
C GLY C 151 -19.67 -13.86 15.69
N GLN C 152 -20.86 -13.27 15.68
CA GLN C 152 -22.10 -14.03 15.81
C GLN C 152 -22.59 -14.55 14.48
N GLY C 153 -22.17 -13.90 13.40
CA GLY C 153 -22.59 -14.32 12.07
C GLY C 153 -21.43 -14.58 11.14
N PHE C 154 -21.71 -15.28 10.04
CA PHE C 154 -20.70 -15.60 9.05
C PHE C 154 -21.27 -15.45 7.64
N MET C 155 -21.02 -14.29 7.04
CA MET C 155 -21.52 -13.99 5.70
C MET C 155 -20.57 -14.58 4.65
N THR C 156 -21.11 -15.44 3.79
CA THR C 156 -20.30 -16.08 2.76
C THR C 156 -19.78 -15.10 1.72
N ARG C 157 -18.65 -15.45 1.12
CA ARG C 157 -18.02 -14.64 0.09
C ARG C 157 -18.91 -14.62 -1.15
N GLU C 158 -19.36 -15.81 -1.54
CA GLU C 158 -20.24 -15.98 -2.69
C GLU C 158 -21.42 -15.01 -2.63
N PHE C 159 -22.09 -14.98 -1.49
CA PHE C 159 -23.23 -14.10 -1.27
C PHE C 159 -22.89 -12.63 -1.49
N LEU C 160 -21.76 -12.20 -0.92
CA LEU C 160 -21.33 -10.81 -1.05
C LEU C 160 -20.97 -10.43 -2.47
N LYS C 161 -20.49 -11.40 -3.25
CA LYS C 161 -20.11 -11.14 -4.63
C LYS C 161 -21.33 -11.12 -5.54
N SER C 162 -22.48 -11.56 -5.02
CA SER C 162 -23.70 -11.59 -5.81
C SER C 162 -24.61 -10.39 -5.62
N LEU C 163 -24.22 -9.45 -4.76
CA LEU C 163 -25.04 -8.26 -4.54
C LEU C 163 -25.13 -7.48 -5.86
N ARG C 164 -26.24 -6.79 -6.07
CA ARG C 164 -26.45 -6.03 -7.30
C ARG C 164 -25.45 -4.89 -7.52
N LYS C 165 -25.56 -4.29 -8.70
CA LYS C 165 -24.71 -3.17 -9.13
C LYS C 165 -23.31 -3.12 -8.52
N PRO C 166 -22.72 -1.92 -8.28
CA PRO C 166 -21.38 -1.95 -7.70
C PRO C 166 -21.25 -2.50 -6.29
N PHE C 167 -22.38 -2.84 -5.67
CA PHE C 167 -22.37 -3.36 -4.30
C PHE C 167 -21.70 -4.73 -4.20
N GLY C 168 -21.74 -5.50 -5.29
CA GLY C 168 -21.16 -6.83 -5.28
C GLY C 168 -19.66 -6.95 -5.51
N ASP C 169 -18.97 -5.83 -5.65
CA ASP C 169 -17.52 -5.87 -5.87
C ASP C 169 -16.74 -5.10 -4.81
N PHE C 170 -17.36 -4.90 -3.66
CA PHE C 170 -16.74 -4.18 -2.55
C PHE C 170 -15.84 -5.08 -1.69
N MET C 171 -16.36 -6.24 -1.32
CA MET C 171 -15.63 -7.18 -0.47
C MET C 171 -14.61 -8.04 -1.19
N GLU C 172 -14.89 -8.39 -2.45
CA GLU C 172 -13.98 -9.24 -3.21
C GLU C 172 -12.53 -8.77 -3.12
N PRO C 173 -12.29 -7.44 -3.21
CA PRO C 173 -10.92 -6.96 -3.12
C PRO C 173 -10.32 -7.25 -1.75
N LYS C 174 -11.16 -7.15 -0.72
CA LYS C 174 -10.72 -7.42 0.66
C LYS C 174 -10.43 -8.90 0.88
N PHE C 175 -11.25 -9.76 0.29
CA PHE C 175 -11.06 -11.20 0.42
C PHE C 175 -9.73 -11.60 -0.23
N GLU C 176 -9.49 -11.05 -1.42
CA GLU C 176 -8.25 -11.34 -2.13
C GLU C 176 -7.07 -10.92 -1.26
N PHE C 177 -7.16 -9.74 -0.66
CA PHE C 177 -6.10 -9.26 0.22
C PHE C 177 -5.97 -10.15 1.44
N ALA C 178 -7.11 -10.42 2.09
CA ALA C 178 -7.15 -11.25 3.28
C ALA C 178 -6.43 -12.59 3.09
N VAL C 179 -6.75 -13.29 2.02
CA VAL C 179 -6.12 -14.58 1.75
C VAL C 179 -4.60 -14.48 1.73
N LYS C 180 -4.08 -13.52 0.97
CA LYS C 180 -2.64 -13.32 0.88
C LYS C 180 -2.03 -12.87 2.20
N PHE C 181 -2.72 -11.98 2.90
CA PHE C 181 -2.24 -11.46 4.18
C PHE C 181 -2.23 -12.55 5.25
N ASN C 182 -3.29 -13.35 5.31
CA ASN C 182 -3.40 -14.40 6.31
C ASN C 182 -2.39 -15.52 6.09
N ALA C 183 -1.82 -15.60 4.89
CA ALA C 183 -0.84 -16.63 4.58
C ALA C 183 0.45 -16.39 5.37
N LEU C 184 0.58 -15.18 5.93
CA LEU C 184 1.76 -14.84 6.71
C LEU C 184 1.64 -15.42 8.12
N GLU C 185 0.43 -15.86 8.46
CA GLU C 185 0.13 -16.45 9.76
C GLU C 185 0.59 -15.60 10.94
N LEU C 186 0.18 -14.35 10.95
CA LEU C 186 0.54 -13.43 12.04
C LEU C 186 -0.45 -13.62 13.19
N ASP C 187 0.01 -13.47 14.42
CA ASP C 187 -0.88 -13.58 15.56
C ASP C 187 -1.10 -12.19 16.14
N ASP C 188 -2.04 -12.08 17.07
CA ASP C 188 -2.35 -10.80 17.69
C ASP C 188 -1.14 -10.02 18.20
N SER C 189 -0.11 -10.72 18.66
CA SER C 189 1.08 -10.04 19.16
C SER C 189 1.87 -9.43 18.00
N ASP C 190 1.78 -10.05 16.83
CA ASP C 190 2.48 -9.54 15.65
C ASP C 190 1.72 -8.34 15.12
N LEU C 191 0.39 -8.50 15.02
CA LEU C 191 -0.49 -7.46 14.51
C LEU C 191 -0.49 -6.18 15.34
N ALA C 192 -0.40 -6.31 16.66
CA ALA C 192 -0.39 -5.14 17.54
C ALA C 192 0.69 -4.16 17.14
N ILE C 193 1.89 -4.66 16.84
CA ILE C 193 2.99 -3.79 16.46
C ILE C 193 2.83 -3.29 15.03
N PHE C 194 2.41 -4.18 14.13
CA PHE C 194 2.22 -3.82 12.73
C PHE C 194 1.26 -2.64 12.59
N ILE C 195 0.13 -2.72 13.30
CA ILE C 195 -0.87 -1.67 13.26
C ILE C 195 -0.28 -0.35 13.77
N ALA C 196 0.57 -0.42 14.78
CA ALA C 196 1.20 0.76 15.33
C ALA C 196 2.11 1.38 14.28
N VAL C 197 2.80 0.52 13.54
CA VAL C 197 3.70 0.97 12.48
C VAL C 197 2.93 1.73 11.41
N ILE C 198 1.75 1.22 11.06
CA ILE C 198 0.91 1.85 10.06
C ILE C 198 0.50 3.26 10.48
N ILE C 199 0.15 3.39 11.76
CA ILE C 199 -0.29 4.67 12.30
C ILE C 199 0.81 5.73 12.30
N LEU C 200 2.01 5.35 12.74
CA LEU C 200 3.12 6.29 12.76
C LEU C 200 3.85 6.38 11.42
N SER C 201 3.08 6.67 10.36
CA SER C 201 3.64 6.81 9.02
C SER C 201 3.96 8.28 8.76
N GLY C 202 5.23 8.58 8.54
CA GLY C 202 5.63 9.96 8.30
C GLY C 202 5.49 10.46 6.88
N ASP C 203 4.68 9.78 6.07
CA ASP C 203 4.50 10.18 4.67
C ASP C 203 3.06 10.63 4.38
N ARG C 204 2.27 10.87 5.42
CA ARG C 204 0.90 11.30 5.25
C ARG C 204 0.87 12.79 4.86
N PRO C 205 0.00 13.14 3.90
CA PRO C 205 -0.11 14.53 3.44
C PRO C 205 -0.56 15.45 4.58
N GLY C 206 0.10 16.61 4.70
CA GLY C 206 -0.28 17.56 5.73
C GLY C 206 0.40 17.50 7.08
N LEU C 207 1.34 16.57 7.26
CA LEU C 207 2.05 16.47 8.54
C LEU C 207 2.90 17.71 8.77
N LEU C 208 2.96 18.16 10.02
CA LEU C 208 3.74 19.35 10.37
C LEU C 208 5.16 19.01 10.82
N ASN C 209 5.30 17.97 11.64
CA ASN C 209 6.60 17.54 12.13
C ASN C 209 6.82 16.06 11.81
N VAL C 210 7.51 15.81 10.71
CA VAL C 210 7.78 14.44 10.27
C VAL C 210 8.80 13.65 11.08
N LYS C 211 9.87 14.30 11.53
CA LYS C 211 10.91 13.61 12.28
C LYS C 211 10.47 12.83 13.52
N PRO C 212 9.71 13.46 14.43
CA PRO C 212 9.28 12.73 15.62
C PRO C 212 8.49 11.48 15.24
N ILE C 213 7.62 11.62 14.24
CA ILE C 213 6.79 10.52 13.77
C ILE C 213 7.64 9.38 13.20
N GLU C 214 8.70 9.73 12.49
CA GLU C 214 9.57 8.71 11.90
C GLU C 214 10.47 8.04 12.93
N ASP C 215 10.86 8.79 13.96
CA ASP C 215 11.71 8.22 15.00
C ASP C 215 10.92 7.15 15.74
N ILE C 216 9.66 7.46 16.04
CA ILE C 216 8.80 6.51 16.74
C ILE C 216 8.55 5.28 15.89
N GLN C 217 8.26 5.47 14.61
CA GLN C 217 8.02 4.34 13.72
C GLN C 217 9.28 3.48 13.63
N ASP C 218 10.43 4.12 13.70
CA ASP C 218 11.69 3.39 13.63
C ASP C 218 11.79 2.42 14.80
N ASN C 219 11.46 2.88 15.99
CA ASN C 219 11.50 2.00 17.16
C ASN C 219 10.48 0.88 17.01
N LEU C 220 9.31 1.21 16.48
CA LEU C 220 8.26 0.23 16.27
C LEU C 220 8.70 -0.81 15.25
N LEU C 221 9.38 -0.35 14.21
CA LEU C 221 9.87 -1.25 13.16
C LEU C 221 10.87 -2.25 13.71
N GLN C 222 11.80 -1.78 14.53
CA GLN C 222 12.81 -2.65 15.13
C GLN C 222 12.13 -3.68 16.03
N ALA C 223 11.14 -3.23 16.79
CA ALA C 223 10.41 -4.10 17.69
C ALA C 223 9.64 -5.16 16.90
N LEU C 224 9.12 -4.76 15.74
CA LEU C 224 8.38 -5.69 14.89
C LEU C 224 9.33 -6.72 14.31
N GLU C 225 10.52 -6.28 13.95
CA GLU C 225 11.52 -7.17 13.37
C GLU C 225 11.93 -8.23 14.39
N LEU C 226 12.16 -7.80 15.63
CA LEU C 226 12.55 -8.72 16.68
C LEU C 226 11.40 -9.67 17.00
N GLN C 227 10.19 -9.13 17.02
CA GLN C 227 8.99 -9.92 17.29
C GLN C 227 8.84 -11.05 16.28
N LEU C 228 8.98 -10.71 15.00
CA LEU C 228 8.84 -11.70 13.94
C LEU C 228 9.95 -12.76 13.97
N LYS C 229 11.15 -12.36 14.38
CA LYS C 229 12.26 -13.30 14.43
C LYS C 229 12.07 -14.32 15.55
N LEU C 230 11.59 -13.86 16.70
CA LEU C 230 11.37 -14.73 17.85
C LEU C 230 10.08 -15.54 17.74
N ASN C 231 9.05 -14.94 17.15
CA ASN C 231 7.76 -15.61 17.03
C ASN C 231 7.63 -16.48 15.77
N HIS C 232 8.45 -16.19 14.76
CA HIS C 232 8.42 -16.95 13.52
C HIS C 232 9.85 -17.25 13.07
N PRO C 233 10.56 -18.10 13.83
CA PRO C 233 11.95 -18.50 13.54
C PRO C 233 12.23 -19.17 12.20
N GLU C 234 11.26 -19.93 11.68
CA GLU C 234 11.46 -20.64 10.42
C GLU C 234 10.89 -19.95 9.18
N SER C 235 10.35 -18.74 9.35
CA SER C 235 9.78 -18.01 8.22
C SER C 235 10.74 -16.96 7.67
N SER C 236 11.10 -17.10 6.40
CA SER C 236 12.03 -16.19 5.75
C SER C 236 11.41 -14.91 5.17
N GLN C 237 12.18 -13.82 5.25
CA GLN C 237 11.76 -12.52 4.74
C GLN C 237 10.34 -12.14 5.16
N LEU C 238 9.89 -12.64 6.30
CA LEU C 238 8.54 -12.33 6.77
C LEU C 238 8.40 -10.83 7.04
N PHE C 239 9.46 -10.23 7.54
CA PHE C 239 9.46 -8.79 7.83
C PHE C 239 9.25 -7.98 6.55
N ALA C 240 9.90 -8.40 5.48
CA ALA C 240 9.77 -7.72 4.20
C ALA C 240 8.39 -7.92 3.60
N LYS C 241 7.92 -9.16 3.58
CA LYS C 241 6.61 -9.49 3.04
C LYS C 241 5.50 -8.73 3.74
N LEU C 242 5.66 -8.51 5.04
CA LEU C 242 4.67 -7.79 5.82
C LEU C 242 4.68 -6.32 5.46
N LEU C 243 5.86 -5.72 5.40
CA LEU C 243 5.97 -4.31 5.05
C LEU C 243 5.41 -4.08 3.66
N GLN C 244 5.59 -5.06 2.78
CA GLN C 244 5.09 -4.98 1.42
C GLN C 244 3.59 -4.76 1.45
N LYS C 245 2.90 -5.47 2.35
CA LYS C 245 1.46 -5.37 2.49
C LYS C 245 0.99 -3.94 2.72
N MET C 246 1.86 -3.08 3.23
CA MET C 246 1.50 -1.71 3.49
C MET C 246 1.17 -0.93 2.20
N THR C 247 1.75 -1.37 1.09
CA THR C 247 1.49 -0.70 -0.19
C THR C 247 0.17 -1.24 -0.76
N ASP C 248 -0.12 -2.50 -0.46
CA ASP C 248 -1.36 -3.11 -0.94
C ASP C 248 -2.53 -2.40 -0.28
N LEU C 249 -2.35 -2.07 0.99
CA LEU C 249 -3.39 -1.39 1.76
C LEU C 249 -3.71 -0.02 1.17
N ARG C 250 -2.71 0.63 0.58
CA ARG C 250 -2.93 1.93 -0.04
C ARG C 250 -3.91 1.76 -1.18
N GLN C 251 -3.62 0.79 -2.05
CA GLN C 251 -4.45 0.48 -3.20
C GLN C 251 -5.86 0.10 -2.82
N ILE C 252 -5.99 -0.79 -1.83
CA ILE C 252 -7.30 -1.22 -1.37
C ILE C 252 -8.14 -0.05 -0.86
N VAL C 253 -7.48 0.91 -0.21
CA VAL C 253 -8.19 2.07 0.31
C VAL C 253 -8.66 3.00 -0.81
N THR C 254 -7.77 3.32 -1.74
CA THR C 254 -8.13 4.21 -2.85
C THR C 254 -9.23 3.57 -3.70
N GLU C 255 -9.08 2.28 -3.98
CA GLU C 255 -10.07 1.56 -4.77
C GLU C 255 -11.44 1.56 -4.08
N HIS C 256 -11.42 1.55 -2.74
CA HIS C 256 -12.65 1.55 -1.97
C HIS C 256 -13.34 2.92 -2.04
N VAL C 257 -12.53 3.97 -1.99
CA VAL C 257 -13.05 5.33 -2.06
C VAL C 257 -13.75 5.53 -3.40
N GLN C 258 -13.11 5.05 -4.46
CA GLN C 258 -13.66 5.16 -5.80
C GLN C 258 -15.02 4.49 -5.90
N LEU C 259 -15.15 3.31 -5.31
CA LEU C 259 -16.42 2.60 -5.34
C LEU C 259 -17.49 3.41 -4.61
N LEU C 260 -17.09 4.11 -3.55
CA LEU C 260 -18.02 4.94 -2.80
C LEU C 260 -18.39 6.13 -3.68
N GLN C 261 -17.50 6.47 -4.61
CA GLN C 261 -17.73 7.58 -5.53
C GLN C 261 -18.86 7.14 -6.46
N VAL C 262 -18.77 5.89 -6.93
CA VAL C 262 -19.78 5.32 -7.80
C VAL C 262 -21.14 5.40 -7.13
N ILE C 263 -21.24 4.79 -5.96
CA ILE C 263 -22.49 4.78 -5.20
C ILE C 263 -23.06 6.18 -5.06
N LYS C 264 -22.22 7.13 -4.69
CA LYS C 264 -22.67 8.51 -4.53
C LYS C 264 -23.29 8.97 -5.85
N LYS C 265 -22.73 8.49 -6.95
CA LYS C 265 -23.20 8.84 -8.30
C LYS C 265 -24.45 8.07 -8.72
N THR C 266 -24.50 6.78 -8.43
CA THR C 266 -25.64 5.95 -8.84
C THR C 266 -26.71 5.75 -7.77
N GLU C 267 -26.57 6.44 -6.64
CA GLU C 267 -27.54 6.34 -5.56
C GLU C 267 -27.80 7.74 -5.01
N THR C 268 -28.84 8.39 -5.52
CA THR C 268 -29.19 9.73 -5.09
C THR C 268 -29.24 9.94 -3.59
N ASP C 269 -29.64 8.92 -2.85
CA ASP C 269 -29.72 9.00 -1.40
C ASP C 269 -28.50 8.36 -0.75
N MET C 270 -27.32 8.84 -1.15
CA MET C 270 -26.06 8.31 -0.63
C MET C 270 -26.07 8.20 0.89
N SER C 271 -25.87 9.33 1.57
CA SER C 271 -25.83 9.38 3.03
C SER C 271 -24.80 8.44 3.64
N LEU C 272 -23.74 9.05 4.20
CA LEU C 272 -22.66 8.31 4.83
C LEU C 272 -22.49 8.92 6.22
N HIS C 273 -22.28 8.09 7.23
CA HIS C 273 -22.10 8.58 8.60
C HIS C 273 -21.15 9.77 8.61
N PRO C 274 -21.50 10.84 9.35
CA PRO C 274 -20.66 12.05 9.43
C PRO C 274 -19.18 11.84 9.76
N LEU C 275 -18.88 10.86 10.60
CA LEU C 275 -17.49 10.58 10.97
C LEU C 275 -16.71 10.12 9.76
N LEU C 276 -17.30 9.19 8.99
CA LEU C 276 -16.64 8.67 7.80
C LEU C 276 -16.53 9.79 6.76
N GLN C 277 -17.51 10.69 6.77
CA GLN C 277 -17.49 11.82 5.83
C GLN C 277 -16.28 12.67 6.16
N GLU C 278 -16.06 12.90 7.45
CA GLU C 278 -14.94 13.70 7.91
C GLU C 278 -13.63 13.08 7.48
N ILE C 279 -13.45 11.79 7.80
CA ILE C 279 -12.24 11.07 7.43
C ILE C 279 -12.02 11.10 5.93
N TYR C 280 -13.10 10.96 5.17
CA TYR C 280 -13.00 10.95 3.71
C TYR C 280 -12.88 12.31 3.05
N LYS C 281 -13.26 13.38 3.74
CA LYS C 281 -13.18 14.70 3.13
C LYS C 281 -11.72 15.05 2.83
N ASP C 282 -11.39 15.07 1.54
CA ASP C 282 -10.05 15.39 1.09
C ASP C 282 -9.03 14.35 1.56
N LEU C 283 -9.30 13.09 1.25
CA LEU C 283 -8.41 12.00 1.64
C LEU C 283 -7.36 11.73 0.56
N TYR C 284 -7.36 10.51 0.02
CA TYR C 284 -6.42 10.14 -1.03
C TYR C 284 -6.89 8.89 -1.76
N LYS D 11 -13.48 17.06 13.78
CA LYS D 11 -14.15 17.43 15.06
C LYS D 11 -14.35 16.20 15.93
N GLN D 12 -14.97 15.17 15.37
CA GLN D 12 -15.21 13.93 16.10
C GLN D 12 -13.90 13.25 16.45
N LEU D 13 -12.97 13.24 15.50
CA LEU D 13 -11.68 12.62 15.73
C LEU D 13 -10.94 13.36 16.83
N SER D 14 -11.18 14.66 16.91
CA SER D 14 -10.55 15.49 17.93
C SER D 14 -11.11 15.14 19.31
N GLU D 15 -12.41 14.89 19.36
CA GLU D 15 -13.08 14.54 20.60
C GLU D 15 -12.68 13.13 21.05
N LEU D 16 -12.72 12.19 20.11
CA LEU D 16 -12.37 10.80 20.38
C LEU D 16 -11.04 10.72 21.16
N LEU D 17 -10.18 11.70 20.95
CA LEU D 17 -8.89 11.73 21.63
C LEU D 17 -8.95 12.66 22.85
#